data_3IQD
#
_entry.id   3IQD
#
_cell.length_a   96.200
_cell.length_b   96.200
_cell.length_c   117.400
_cell.angle_alpha   90.00
_cell.angle_beta   90.00
_cell.angle_gamma   90.00
#
_symmetry.space_group_name_H-M   'P 41 21 2'
#
loop_
_entity.id
_entity.type
_entity.pdbx_description
1 polymer 'Octopine dehydrogenase'
2 non-polymer '1,4-DIHYDRONICOTINAMIDE ADENINE DINUCLEOTIDE'
3 non-polymer AGMATINE
#
_entity_poly.entity_id   1
_entity_poly.type   'polypeptide(L)'
_entity_poly.pdbx_seq_one_letter_code
;MTVKVCVCGGGNGAHTLSGLAASRDGVEVRVLTLFADEAERWTKALGADELTVIVNEKDGTQTEVKSRPKVITKDPEIAI
SGADVVILTVPAFAHEGYFQAMAPYVQDSALIVGLPSQAGFEFQCRDILGDKAAAVSMMSFETLPWACRIKEFGRKVEVL
GTKSVLAASLIKGTAKTVDPLSTLQMLHGAEPVFRLAKHFLEMLIMSYSFVHPAILFGRWGSWDGKPVPEAPLFYQGIDQ
ATADMLTACSNECKDVANAIMAACPGNDLSDDKDIYQWYLEYYHEDIQDDHDLYHAITTNKSYKGLVHPVKAVDAGVAPD
FGNRYLTEDIPMGMIVFKGVAIAAGVAIPSNDKLIMWAQEKIGKEYLVDGALTGKDVATTRCPQRYGFNTLDAILTGKKH
HHHH
;
_entity_poly.pdbx_strand_id   B
#
loop_
_chem_comp.id
_chem_comp.type
_chem_comp.name
_chem_comp.formula
AG2 non-polymer AGMATINE 'C5 H14 N4'
NAI non-polymer '1,4-DIHYDRONICOTINAMIDE ADENINE DINUCLEOTIDE' 'C21 H29 N7 O14 P2'
#
# COMPACT_ATOMS: atom_id res chain seq x y z
N THR A 2 -23.32 -13.38 11.20
CA THR A 2 -22.73 -13.21 9.85
C THR A 2 -21.75 -12.03 9.88
N VAL A 3 -20.62 -12.19 9.20
CA VAL A 3 -19.72 -11.08 8.96
C VAL A 3 -19.96 -10.59 7.54
N LYS A 4 -20.21 -9.29 7.41
CA LYS A 4 -20.52 -8.69 6.11
C LYS A 4 -19.34 -7.86 5.63
N VAL A 5 -18.75 -8.31 4.53
CA VAL A 5 -17.56 -7.65 3.99
C VAL A 5 -17.87 -6.97 2.65
N CYS A 6 -17.47 -5.70 2.54
CA CYS A 6 -17.54 -5.00 1.28
C CYS A 6 -16.15 -4.92 0.67
N VAL A 7 -15.96 -5.59 -0.46
CA VAL A 7 -14.69 -5.52 -1.20
C VAL A 7 -14.78 -4.41 -2.24
N CYS A 8 -13.89 -3.42 -2.11
CA CYS A 8 -13.85 -2.26 -3.01
C CYS A 8 -12.77 -2.42 -4.08
N GLY A 9 -13.20 -2.41 -5.34
CA GLY A 9 -12.30 -2.54 -6.48
C GLY A 9 -12.68 -3.65 -7.43
N GLY A 10 -12.01 -3.68 -8.59
CA GLY A 10 -12.23 -4.72 -9.59
C GLY A 10 -10.93 -5.23 -10.19
N GLY A 11 -9.83 -5.02 -9.48
CA GLY A 11 -8.52 -5.45 -9.95
C GLY A 11 -8.18 -6.88 -9.56
N ASN A 12 -6.93 -7.26 -9.73
CA ASN A 12 -6.44 -8.57 -9.33
C ASN A 12 -6.78 -8.87 -7.87
N GLY A 13 -6.45 -7.93 -6.99
CA GLY A 13 -6.70 -8.09 -5.56
C GLY A 13 -8.16 -8.25 -5.21
N ALA A 14 -9.00 -7.39 -5.78
CA ALA A 14 -10.44 -7.40 -5.56
C ALA A 14 -11.06 -8.74 -5.97
N HIS A 15 -10.65 -9.25 -7.14
CA HIS A 15 -11.05 -10.57 -7.59
C HIS A 15 -10.65 -11.63 -6.58
N THR A 16 -9.40 -11.59 -6.14
CA THR A 16 -8.89 -12.62 -5.24
C THR A 16 -9.55 -12.56 -3.87
N LEU A 17 -9.66 -11.36 -3.33
CA LEU A 17 -10.26 -11.16 -2.02
C LEU A 17 -11.74 -11.50 -2.03
N SER A 18 -12.45 -11.07 -3.07
CA SER A 18 -13.86 -11.42 -3.22
C SER A 18 -14.00 -12.93 -3.30
N GLY A 19 -13.10 -13.55 -4.08
CA GLY A 19 -13.10 -14.99 -4.25
C GLY A 19 -12.87 -15.70 -2.94
N LEU A 20 -11.81 -15.31 -2.24
CA LEU A 20 -11.41 -15.97 -1.00
C LEU A 20 -12.40 -15.74 0.15
N ALA A 21 -12.72 -14.46 0.39
CA ALA A 21 -13.61 -14.10 1.48
C ALA A 21 -14.99 -14.77 1.37
N ALA A 22 -15.56 -14.79 0.16
CA ALA A 22 -16.89 -15.36 -0.07
C ALA A 22 -16.96 -16.87 0.11
N SER A 23 -15.81 -17.53 0.08
CA SER A 23 -15.73 -18.98 0.28
C SER A 23 -15.85 -19.41 1.75
N ARG A 24 -15.80 -18.45 2.66
CA ARG A 24 -15.82 -18.73 4.10
C ARG A 24 -17.25 -18.85 4.63
N ASP A 25 -17.47 -19.75 5.59
CA ASP A 25 -18.78 -19.87 6.21
C ASP A 25 -19.11 -18.62 7.02
N GLY A 26 -20.38 -18.22 6.97
CA GLY A 26 -20.87 -17.06 7.71
C GLY A 26 -20.32 -15.74 7.22
N VAL A 27 -19.90 -15.71 5.96
CA VAL A 27 -19.38 -14.48 5.35
C VAL A 27 -20.21 -14.11 4.12
N GLU A 28 -20.62 -12.85 4.09
CA GLU A 28 -21.43 -12.32 3.01
C GLU A 28 -20.61 -11.22 2.36
N VAL A 29 -20.33 -11.35 1.07
CA VAL A 29 -19.49 -10.39 0.38
C VAL A 29 -20.30 -9.54 -0.59
N ARG A 30 -20.16 -8.22 -0.45
CA ARG A 30 -20.69 -7.27 -1.41
C ARG A 30 -19.50 -6.63 -2.10
N VAL A 31 -19.44 -6.75 -3.43
CA VAL A 31 -18.36 -6.11 -4.18
C VAL A 31 -18.80 -4.72 -4.61
N LEU A 32 -18.02 -3.72 -4.22
CA LEU A 32 -18.23 -2.35 -4.70
C LEU A 32 -17.12 -1.93 -5.66
N THR A 33 -17.52 -1.43 -6.82
CA THR A 33 -16.58 -0.83 -7.76
C THR A 33 -17.23 0.38 -8.43
N LEU A 34 -16.56 1.53 -8.30
CA LEU A 34 -17.09 2.79 -8.82
C LEU A 34 -16.44 3.19 -10.15
N PHE A 35 -15.59 2.32 -10.68
CA PHE A 35 -14.95 2.57 -11.98
C PHE A 35 -15.95 2.42 -13.12
N ALA A 36 -16.55 3.53 -13.51
CA ALA A 36 -17.59 3.57 -14.55
C ALA A 36 -18.62 2.46 -14.31
N ASP A 37 -18.74 1.52 -15.25
CA ASP A 37 -19.69 0.42 -15.13
C ASP A 37 -19.00 -0.94 -14.99
N GLU A 38 -17.83 -0.95 -14.35
CA GLU A 38 -17.10 -2.18 -14.08
C GLU A 38 -18.01 -3.20 -13.37
N ALA A 39 -18.88 -2.70 -12.48
CA ALA A 39 -19.76 -3.56 -11.71
C ALA A 39 -20.72 -4.37 -12.58
N GLU A 40 -21.37 -3.71 -13.53
CA GLU A 40 -22.24 -4.39 -14.49
C GLU A 40 -21.47 -5.38 -15.36
N ARG A 41 -20.27 -4.99 -15.77
CA ARG A 41 -19.41 -5.84 -16.61
C ARG A 41 -19.07 -7.14 -15.90
N TRP A 42 -18.53 -7.04 -14.68
CA TRP A 42 -18.23 -8.19 -13.82
C TRP A 42 -19.46 -9.09 -13.71
N THR A 43 -20.62 -8.48 -13.49
CA THR A 43 -21.90 -9.17 -13.34
C THR A 43 -22.27 -9.95 -14.61
N LYS A 44 -22.24 -9.29 -15.77
CA LYS A 44 -22.56 -9.95 -17.04
C LYS A 44 -21.58 -11.09 -17.31
N ALA A 45 -20.32 -10.87 -16.96
CA ALA A 45 -19.26 -11.85 -17.17
C ALA A 45 -19.43 -13.08 -16.28
N LEU A 46 -19.62 -12.86 -14.99
CA LEU A 46 -19.75 -13.95 -14.03
C LEU A 46 -21.00 -14.79 -14.28
N GLY A 47 -22.08 -14.12 -14.70
CA GLY A 47 -23.36 -14.78 -14.94
C GLY A 47 -23.81 -15.55 -13.71
N ALA A 48 -24.30 -16.76 -13.92
CA ALA A 48 -24.79 -17.61 -12.84
C ALA A 48 -23.70 -18.49 -12.22
N ASP A 49 -22.48 -18.35 -12.71
CA ASP A 49 -21.36 -19.18 -12.27
C ASP A 49 -20.74 -18.63 -10.99
N GLU A 50 -19.80 -19.41 -10.43
CA GLU A 50 -19.04 -18.98 -9.26
C GLU A 50 -17.70 -18.41 -9.68
N LEU A 51 -17.22 -17.43 -8.90
CA LEU A 51 -15.92 -16.83 -9.11
C LEU A 51 -14.84 -17.83 -8.71
N THR A 52 -13.87 -18.04 -9.59
CA THR A 52 -12.84 -19.06 -9.40
C THR A 52 -11.45 -18.47 -9.09
N VAL A 53 -10.84 -18.95 -8.01
CA VAL A 53 -9.48 -18.56 -7.64
C VAL A 53 -8.55 -19.78 -7.70
N ILE A 54 -7.51 -19.69 -8.54
CA ILE A 54 -6.48 -20.72 -8.61
C ILE A 54 -5.33 -20.33 -7.71
N VAL A 55 -5.05 -21.16 -6.72
CA VAL A 55 -3.97 -20.88 -5.78
C VAL A 55 -2.79 -21.82 -6.03
N ASN A 56 -1.64 -21.24 -6.39
CA ASN A 56 -0.41 -22.00 -6.53
C ASN A 56 0.25 -22.23 -5.17
N GLU A 57 0.16 -23.47 -4.69
CA GLU A 57 0.75 -23.85 -3.42
C GLU A 57 2.27 -24.05 -3.58
N LYS A 58 2.96 -24.23 -2.45
CA LYS A 58 4.41 -24.46 -2.43
C LYS A 58 4.79 -25.85 -2.98
N ASP A 59 3.83 -26.76 -3.00
CA ASP A 59 4.00 -28.10 -3.57
C ASP A 59 4.21 -28.05 -5.09
N GLY A 60 3.70 -26.99 -5.72
CA GLY A 60 3.63 -26.89 -7.16
C GLY A 60 2.22 -27.22 -7.63
N THR A 61 1.39 -27.74 -6.72
CA THR A 61 -0.01 -28.03 -6.98
C THR A 61 -0.84 -26.76 -7.00
N GLN A 62 -2.05 -26.88 -7.54
CA GLN A 62 -3.00 -25.77 -7.61
C GLN A 62 -4.33 -26.17 -7.00
N THR A 63 -4.75 -25.44 -5.97
CA THR A 63 -6.07 -25.62 -5.38
C THR A 63 -7.03 -24.60 -6.01
N GLU A 64 -8.22 -25.08 -6.36
CA GLU A 64 -9.27 -24.21 -6.90
C GLU A 64 -10.32 -23.83 -5.85
N VAL A 65 -10.39 -22.54 -5.51
CA VAL A 65 -11.45 -22.03 -4.65
C VAL A 65 -12.58 -21.44 -5.50
N LYS A 66 -13.80 -21.89 -5.24
CA LYS A 66 -14.98 -21.37 -5.93
C LYS A 66 -15.95 -20.76 -4.92
N SER A 67 -16.50 -19.60 -5.27
CA SER A 67 -17.45 -18.88 -4.40
C SER A 67 -18.21 -17.82 -5.17
N ARG A 68 -19.30 -17.33 -4.58
CA ARG A 68 -20.05 -16.20 -5.15
C ARG A 68 -20.30 -15.09 -4.13
N PRO A 69 -20.03 -13.83 -4.52
CA PRO A 69 -20.48 -12.68 -3.73
C PRO A 69 -21.99 -12.55 -3.76
N LYS A 70 -22.55 -11.95 -2.70
CA LYS A 70 -23.99 -11.69 -2.58
C LYS A 70 -24.45 -10.72 -3.67
N VAL A 71 -23.70 -9.64 -3.86
CA VAL A 71 -23.99 -8.66 -4.90
C VAL A 71 -22.70 -8.02 -5.43
N ILE A 72 -22.70 -7.71 -6.73
CA ILE A 72 -21.62 -6.94 -7.34
C ILE A 72 -22.23 -5.66 -7.95
N THR A 73 -21.89 -4.52 -7.35
CA THR A 73 -22.62 -3.27 -7.59
C THR A 73 -21.72 -2.03 -7.62
N LYS A 74 -22.23 -0.95 -8.21
CA LYS A 74 -21.60 0.38 -8.15
C LYS A 74 -22.33 1.28 -7.16
N ASP A 75 -23.36 0.73 -6.51
CA ASP A 75 -24.19 1.45 -5.55
C ASP A 75 -23.63 1.28 -4.13
N PRO A 76 -23.08 2.36 -3.56
CA PRO A 76 -22.46 2.27 -2.22
C PRO A 76 -23.46 1.96 -1.11
N GLU A 77 -24.72 2.38 -1.27
CA GLU A 77 -25.77 2.10 -0.29
C GLU A 77 -26.00 0.60 -0.11
N ILE A 78 -26.04 -0.14 -1.21
CA ILE A 78 -26.18 -1.59 -1.14
C ILE A 78 -24.89 -2.22 -0.59
N ALA A 79 -23.75 -1.71 -1.05
CA ALA A 79 -22.45 -2.31 -0.71
C ALA A 79 -21.98 -2.05 0.73
N ILE A 80 -22.14 -0.82 1.20
CA ILE A 80 -21.55 -0.37 2.46
C ILE A 80 -22.49 -0.52 3.66
N SER A 81 -23.80 -0.35 3.44
CA SER A 81 -24.78 -0.39 4.51
C SER A 81 -24.80 -1.74 5.21
N GLY A 82 -24.55 -1.72 6.52
CA GLY A 82 -24.54 -2.93 7.32
C GLY A 82 -23.23 -3.69 7.29
N ALA A 83 -22.28 -3.21 6.47
CA ALA A 83 -20.99 -3.87 6.33
C ALA A 83 -20.20 -3.78 7.62
N ASP A 84 -19.70 -4.92 8.09
CA ASP A 84 -18.87 -4.97 9.27
C ASP A 84 -17.45 -4.57 8.92
N VAL A 85 -17.02 -4.93 7.71
CA VAL A 85 -15.67 -4.70 7.22
C VAL A 85 -15.74 -4.12 5.81
N VAL A 86 -14.98 -3.07 5.57
CA VAL A 86 -14.90 -2.45 4.24
C VAL A 86 -13.42 -2.49 3.84
N ILE A 87 -13.13 -3.26 2.80
CA ILE A 87 -11.75 -3.48 2.38
C ILE A 87 -11.51 -2.83 1.01
N LEU A 88 -10.56 -1.89 0.97
CA LEU A 88 -10.19 -1.21 -0.27
C LEU A 88 -9.00 -1.90 -0.90
N THR A 89 -9.22 -2.59 -2.01
CA THR A 89 -8.13 -3.21 -2.76
C THR A 89 -8.08 -2.65 -4.17
N VAL A 90 -7.46 -1.47 -4.28
CA VAL A 90 -7.33 -0.72 -5.53
C VAL A 90 -6.07 0.12 -5.46
N PRO A 91 -5.51 0.48 -6.63
CA PRO A 91 -4.45 1.50 -6.66
C PRO A 91 -4.87 2.73 -5.85
N ALA A 92 -3.93 3.25 -5.05
CA ALA A 92 -4.23 4.30 -4.08
C ALA A 92 -4.98 5.53 -4.62
N PHE A 93 -4.85 5.81 -5.91
CA PHE A 93 -5.52 6.97 -6.51
C PHE A 93 -7.05 6.80 -6.53
N ALA A 94 -7.51 5.56 -6.46
CA ALA A 94 -8.94 5.24 -6.42
C ALA A 94 -9.54 5.37 -5.02
N HIS A 95 -8.69 5.47 -3.99
CA HIS A 95 -9.14 5.50 -2.60
C HIS A 95 -10.08 6.67 -2.30
N GLU A 96 -9.72 7.86 -2.76
CA GLU A 96 -10.55 9.05 -2.56
C GLU A 96 -12.02 8.79 -2.91
N GLY A 97 -12.26 8.18 -4.07
CA GLY A 97 -13.60 7.91 -4.55
C GLY A 97 -14.42 7.01 -3.65
N TYR A 98 -13.78 5.97 -3.10
CA TYR A 98 -14.46 5.03 -2.21
C TYR A 98 -14.79 5.65 -0.86
N PHE A 99 -13.84 6.41 -0.31
CA PHE A 99 -14.09 7.14 0.94
C PHE A 99 -15.26 8.11 0.80
N GLN A 100 -15.33 8.81 -0.33
CA GLN A 100 -16.44 9.72 -0.64
C GLN A 100 -17.79 8.99 -0.79
N ALA A 101 -17.76 7.83 -1.44
CA ALA A 101 -18.98 7.04 -1.66
C ALA A 101 -19.50 6.38 -0.38
N MET A 102 -18.60 5.91 0.46
CA MET A 102 -18.98 5.19 1.67
C MET A 102 -19.44 6.11 2.80
N ALA A 103 -18.91 7.33 2.81
CA ALA A 103 -19.15 8.31 3.89
C ALA A 103 -20.56 8.35 4.50
N PRO A 104 -21.61 8.51 3.68
CA PRO A 104 -22.91 8.62 4.33
C PRO A 104 -23.60 7.28 4.62
N TYR A 105 -22.91 6.16 4.37
CA TYR A 105 -23.51 4.83 4.52
C TYR A 105 -22.78 3.94 5.52
N VAL A 106 -21.53 4.28 5.82
CA VAL A 106 -20.69 3.51 6.73
C VAL A 106 -21.16 3.66 8.18
N GLN A 107 -21.26 2.54 8.88
CA GLN A 107 -21.73 2.55 10.26
C GLN A 107 -20.56 2.81 11.22
N ASP A 108 -20.88 3.26 12.43
CA ASP A 108 -19.88 3.57 13.44
C ASP A 108 -18.90 2.42 13.65
N SER A 109 -19.45 1.20 13.69
CA SER A 109 -18.68 0.01 14.04
C SER A 109 -17.82 -0.55 12.90
N ALA A 110 -17.95 0.01 11.70
CA ALA A 110 -17.22 -0.52 10.55
C ALA A 110 -15.71 -0.53 10.75
N LEU A 111 -15.08 -1.61 10.31
CA LEU A 111 -13.64 -1.70 10.23
C LEU A 111 -13.24 -1.37 8.82
N ILE A 112 -12.50 -0.27 8.65
CA ILE A 112 -12.11 0.19 7.32
C ILE A 112 -10.66 -0.22 7.00
N VAL A 113 -10.52 -1.09 6.02
CA VAL A 113 -9.26 -1.79 5.75
C VAL A 113 -8.61 -1.33 4.45
N GLY A 114 -7.31 -1.07 4.51
CA GLY A 114 -6.51 -0.73 3.33
C GLY A 114 -5.65 -1.91 2.96
N LEU A 115 -5.98 -2.58 1.85
CA LEU A 115 -5.30 -3.81 1.47
C LEU A 115 -4.83 -3.75 0.01
N PRO A 116 -3.67 -3.11 -0.24
CA PRO A 116 -2.82 -2.41 0.71
C PRO A 116 -3.27 -0.96 0.89
N SER A 117 -2.70 -0.29 1.88
CA SER A 117 -3.04 1.10 2.18
C SER A 117 -2.31 2.08 1.28
N GLN A 118 -1.01 1.83 1.11
CA GLN A 118 -0.05 2.85 0.69
C GLN A 118 -0.01 3.94 1.78
N ALA A 119 0.87 4.93 1.63
CA ALA A 119 1.03 5.94 2.67
C ALA A 119 -0.09 6.98 2.63
N GLY A 120 -0.48 7.48 3.80
CA GLY A 120 -1.46 8.56 3.91
C GLY A 120 -2.91 8.14 3.88
N PHE A 121 -3.13 6.82 3.92
CA PHE A 121 -4.45 6.20 3.90
C PHE A 121 -5.40 6.69 5.01
N GLU A 122 -4.88 6.79 6.24
CA GLU A 122 -5.66 7.21 7.39
C GLU A 122 -5.95 8.72 7.37
N PHE A 123 -4.98 9.53 6.96
CA PHE A 123 -5.16 10.99 6.87
C PHE A 123 -6.32 11.33 5.94
N GLN A 124 -6.31 10.68 4.77
CA GLN A 124 -7.36 10.83 3.78
C GLN A 124 -8.71 10.41 4.34
N CYS A 125 -8.72 9.23 4.97
CA CYS A 125 -9.93 8.65 5.55
C CYS A 125 -10.55 9.58 6.59
N ARG A 126 -9.71 10.12 7.46
CA ARG A 126 -10.12 11.07 8.50
C ARG A 126 -10.72 12.34 7.89
N ASP A 127 -10.03 12.89 6.90
CA ASP A 127 -10.50 14.09 6.21
C ASP A 127 -11.86 13.88 5.55
N ILE A 128 -12.03 12.77 4.84
CA ILE A 128 -13.25 12.54 4.08
C ILE A 128 -14.45 12.16 4.96
N LEU A 129 -14.23 11.25 5.92
CA LEU A 129 -15.33 10.79 6.78
C LEU A 129 -15.71 11.78 7.87
N GLY A 130 -14.83 12.74 8.12
CA GLY A 130 -15.07 13.79 9.12
C GLY A 130 -15.28 13.25 10.52
N ASP A 131 -16.40 13.63 11.13
CA ASP A 131 -16.72 13.26 12.51
C ASP A 131 -16.94 11.75 12.69
N LYS A 132 -17.21 11.06 11.59
CA LYS A 132 -17.42 9.62 11.58
C LYS A 132 -16.10 8.85 11.72
N ALA A 133 -14.98 9.53 11.42
CA ALA A 133 -13.65 8.90 11.42
C ALA A 133 -13.22 8.38 12.80
N ALA A 134 -13.56 9.12 13.84
CA ALA A 134 -13.17 8.75 15.20
C ALA A 134 -13.96 7.55 15.74
N ALA A 135 -15.06 7.22 15.07
CA ALA A 135 -15.93 6.12 15.48
C ALA A 135 -15.43 4.79 14.92
N VAL A 136 -15.13 4.78 13.62
CA VAL A 136 -14.63 3.60 12.93
C VAL A 136 -13.17 3.25 13.29
N SER A 137 -12.73 2.07 12.86
CA SER A 137 -11.33 1.67 12.99
C SER A 137 -10.69 1.61 11.61
N MET A 138 -9.44 2.03 11.55
CA MET A 138 -8.71 2.08 10.28
C MET A 138 -7.52 1.13 10.30
N MET A 139 -7.57 0.13 9.41
CA MET A 139 -6.55 -0.92 9.37
C MET A 139 -5.68 -0.78 8.11
N SER A 140 -4.37 -0.74 8.30
CA SER A 140 -3.45 -0.53 7.18
C SER A 140 -2.51 -1.71 6.98
N PHE A 141 -2.64 -2.39 5.85
CA PHE A 141 -1.78 -3.53 5.51
C PHE A 141 -0.60 -3.10 4.65
N GLU A 142 0.58 -3.64 4.96
CA GLU A 142 1.84 -3.24 4.31
C GLU A 142 1.86 -3.38 2.77
N THR A 143 1.42 -4.54 2.29
CA THR A 143 1.34 -4.83 0.85
C THR A 143 0.16 -5.76 0.58
N LEU A 144 0.01 -6.22 -0.65
CA LEU A 144 -1.04 -7.17 -0.97
C LEU A 144 -0.62 -8.60 -0.56
N PRO A 145 -1.51 -9.30 0.17
CA PRO A 145 -1.25 -10.68 0.62
C PRO A 145 -0.74 -11.64 -0.46
N TRP A 146 -1.20 -11.45 -1.69
CA TRP A 146 -0.87 -12.39 -2.77
C TRP A 146 -0.15 -11.70 -3.92
N ALA A 147 0.55 -12.50 -4.71
CA ALA A 147 0.94 -12.12 -6.05
C ALA A 147 -0.12 -12.75 -6.94
N CYS A 148 -0.96 -11.92 -7.55
CA CYS A 148 -2.11 -12.42 -8.31
C CYS A 148 -2.36 -11.72 -9.65
N ARG A 149 -2.99 -12.44 -10.57
CA ARG A 149 -3.39 -11.89 -11.85
C ARG A 149 -4.73 -12.47 -12.31
N ILE A 150 -5.60 -11.59 -12.83
CA ILE A 150 -6.85 -12.01 -13.46
C ILE A 150 -6.53 -12.77 -14.73
N LYS A 151 -7.24 -13.88 -14.95
CA LYS A 151 -7.07 -14.66 -16.17
C LYS A 151 -8.28 -14.49 -17.09
N GLU A 152 -9.44 -14.34 -16.47
CA GLU A 152 -10.71 -14.15 -17.17
C GLU A 152 -11.50 -13.19 -16.30
N PHE A 153 -11.68 -11.97 -16.79
CA PHE A 153 -12.36 -10.91 -16.03
C PHE A 153 -13.71 -11.36 -15.52
N GLY A 154 -14.01 -11.00 -14.28
CA GLY A 154 -15.29 -11.34 -13.66
C GLY A 154 -15.40 -12.75 -13.09
N ARG A 155 -14.58 -13.68 -13.58
CA ARG A 155 -14.83 -15.07 -13.26
C ARG A 155 -13.62 -15.96 -12.91
N LYS A 156 -12.40 -15.50 -13.19
CA LYS A 156 -11.21 -16.29 -12.88
C LYS A 156 -9.96 -15.46 -12.57
N VAL A 157 -9.32 -15.78 -11.44
CA VAL A 157 -8.09 -15.12 -11.01
C VAL A 157 -7.06 -16.17 -10.49
N GLU A 158 -5.78 -15.90 -10.71
CA GLU A 158 -4.73 -16.81 -10.27
C GLU A 158 -3.86 -16.17 -9.19
N VAL A 159 -3.60 -16.91 -8.12
CA VAL A 159 -2.61 -16.55 -7.11
C VAL A 159 -1.31 -17.28 -7.50
N LEU A 160 -0.31 -16.51 -7.93
CA LEU A 160 0.98 -17.07 -8.31
C LEU A 160 1.78 -17.44 -7.05
N GLY A 161 1.50 -16.73 -5.97
CA GLY A 161 2.16 -16.95 -4.69
C GLY A 161 1.47 -16.13 -3.62
N THR A 162 1.53 -16.61 -2.38
CA THR A 162 0.88 -15.91 -1.27
C THR A 162 1.83 -15.79 -0.07
N LYS A 163 1.96 -14.56 0.45
CA LYS A 163 2.98 -14.24 1.45
C LYS A 163 2.85 -15.03 2.75
N SER A 164 3.99 -15.34 3.37
CA SER A 164 4.01 -16.17 4.57
C SER A 164 3.50 -15.39 5.76
N VAL A 165 4.01 -14.17 5.91
CA VAL A 165 3.60 -13.28 6.97
C VAL A 165 3.24 -11.93 6.38
N LEU A 166 2.35 -11.21 7.05
CA LEU A 166 1.99 -9.86 6.64
C LEU A 166 1.58 -9.04 7.86
N ALA A 167 2.02 -7.79 7.88
CA ALA A 167 1.74 -6.90 9.01
C ALA A 167 0.65 -5.91 8.66
N ALA A 168 -0.09 -5.49 9.68
CA ALA A 168 -1.09 -4.44 9.55
C ALA A 168 -1.14 -3.58 10.81
N SER A 169 -1.36 -2.29 10.64
CA SER A 169 -1.54 -1.39 11.78
C SER A 169 -3.02 -1.19 12.04
N LEU A 170 -3.36 -0.60 13.18
CA LEU A 170 -4.74 -0.35 13.52
C LEU A 170 -4.90 0.91 14.36
N ILE A 171 -5.78 1.80 13.91
CA ILE A 171 -6.23 2.93 14.72
C ILE A 171 -7.62 2.58 15.23
N LYS A 172 -7.73 2.30 16.53
CA LYS A 172 -9.00 1.91 17.13
C LYS A 172 -9.93 3.10 17.26
N GLY A 173 -11.18 2.92 16.87
CA GLY A 173 -12.19 3.95 17.03
C GLY A 173 -12.83 3.86 18.40
N THR A 174 -13.91 4.61 18.58
CA THR A 174 -14.69 4.53 19.81
C THR A 174 -15.67 3.38 19.72
N ALA A 175 -16.11 3.07 18.50
CA ALA A 175 -17.02 1.95 18.24
C ALA A 175 -16.31 0.61 18.24
N LYS A 176 -16.97 -0.41 18.80
CA LYS A 176 -16.42 -1.76 18.81
C LYS A 176 -16.67 -2.42 17.47
N THR A 177 -15.60 -2.67 16.75
CA THR A 177 -15.65 -3.39 15.50
C THR A 177 -15.59 -4.90 15.77
N VAL A 178 -15.83 -5.69 14.74
CA VAL A 178 -15.44 -7.10 14.78
C VAL A 178 -13.92 -7.11 14.97
N ASP A 179 -13.38 -8.19 15.51
CA ASP A 179 -11.94 -8.20 15.79
C ASP A 179 -11.11 -8.09 14.51
N PRO A 180 -10.37 -6.98 14.36
CA PRO A 180 -9.64 -6.68 13.13
C PRO A 180 -8.72 -7.81 12.67
N LEU A 181 -7.80 -8.24 13.52
CA LEU A 181 -6.79 -9.22 13.11
C LEU A 181 -7.39 -10.59 12.79
N SER A 182 -8.16 -11.14 13.73
CA SER A 182 -8.71 -12.49 13.54
C SER A 182 -9.76 -12.56 12.42
N THR A 183 -10.52 -11.48 12.23
CA THR A 183 -11.51 -11.43 11.16
C THR A 183 -10.84 -11.44 9.78
N LEU A 184 -9.86 -10.55 9.61
CA LEU A 184 -9.09 -10.50 8.38
C LEU A 184 -8.39 -11.82 8.09
N GLN A 185 -7.79 -12.41 9.13
CA GLN A 185 -7.15 -13.71 9.03
C GLN A 185 -8.12 -14.76 8.49
N MET A 186 -9.31 -14.80 9.07
CA MET A 186 -10.35 -15.75 8.69
C MET A 186 -10.67 -15.68 7.19
N LEU A 187 -10.74 -14.46 6.66
CA LEU A 187 -11.05 -14.23 5.25
C LEU A 187 -9.97 -14.78 4.35
N HIS A 188 -8.72 -14.66 4.80
CA HIS A 188 -7.55 -15.03 4.00
C HIS A 188 -7.20 -16.50 4.14
N GLY A 189 -7.57 -17.11 5.26
CA GLY A 189 -7.30 -18.51 5.53
C GLY A 189 -6.07 -18.69 6.39
N ALA A 190 -5.27 -19.70 6.08
CA ALA A 190 -4.05 -19.98 6.82
C ALA A 190 -2.95 -18.96 6.55
N GLU A 191 -2.93 -18.39 5.35
CA GLU A 191 -1.84 -17.50 4.93
C GLU A 191 -2.30 -16.22 4.21
N PRO A 192 -1.58 -15.10 4.43
CA PRO A 192 -0.43 -14.93 5.32
C PRO A 192 -0.85 -14.97 6.78
N VAL A 193 0.10 -15.30 7.65
CA VAL A 193 -0.12 -15.19 9.09
C VAL A 193 0.02 -13.72 9.45
N PHE A 194 -1.11 -13.08 9.70
CA PHE A 194 -1.16 -11.65 9.95
C PHE A 194 -0.68 -11.31 11.35
N ARG A 195 0.18 -10.30 11.46
CA ARG A 195 0.56 -9.76 12.76
C ARG A 195 0.11 -8.30 12.90
N LEU A 196 -0.01 -7.84 14.14
CA LEU A 196 -0.44 -6.47 14.40
C LEU A 196 0.74 -5.55 14.68
N ALA A 197 0.95 -4.59 13.79
CA ALA A 197 1.97 -3.57 13.96
C ALA A 197 1.64 -2.69 15.18
N LYS A 198 2.66 -2.28 15.92
CA LYS A 198 2.46 -1.54 17.16
C LYS A 198 1.77 -0.18 16.96
N HIS A 199 2.13 0.51 15.88
CA HIS A 199 1.62 1.87 15.63
C HIS A 199 1.50 2.14 14.14
N PHE A 200 0.46 2.87 13.74
CA PHE A 200 0.18 3.11 12.31
C PHE A 200 1.27 3.91 11.60
N LEU A 201 1.91 4.83 12.31
CA LEU A 201 3.01 5.61 11.73
C LEU A 201 4.23 4.75 11.44
N GLU A 202 4.44 3.73 12.27
CA GLU A 202 5.49 2.74 12.06
C GLU A 202 5.25 2.03 10.72
N MET A 203 4.00 1.58 10.54
CA MET A 203 3.56 0.89 9.34
C MET A 203 3.71 1.74 8.09
N LEU A 204 3.36 3.02 8.21
CA LEU A 204 3.51 3.99 7.13
C LEU A 204 4.98 4.18 6.75
N ILE A 205 5.83 4.38 7.76
CA ILE A 205 7.27 4.56 7.54
C ILE A 205 7.93 3.29 7.01
N MET A 206 7.55 2.14 7.55
CA MET A 206 8.08 0.84 7.13
C MET A 206 7.71 0.47 5.69
N SER A 207 6.93 1.33 5.04
CA SER A 207 6.62 1.18 3.61
C SER A 207 7.87 1.31 2.78
N TYR A 208 8.89 1.96 3.33
CA TYR A 208 10.14 2.23 2.64
C TYR A 208 9.82 2.72 1.23
N SER A 209 9.00 3.76 1.14
CA SER A 209 8.53 4.30 -0.14
C SER A 209 9.69 4.69 -1.06
N PHE A 210 10.84 4.94 -0.46
CA PHE A 210 12.05 5.29 -1.18
C PHE A 210 12.61 4.14 -2.03
N VAL A 211 12.30 2.89 -1.68
CA VAL A 211 12.99 1.74 -2.27
C VAL A 211 13.02 1.77 -3.80
N HIS A 212 11.85 1.89 -4.42
CA HIS A 212 11.78 1.86 -5.88
C HIS A 212 12.35 3.13 -6.55
N PRO A 213 11.98 4.33 -6.07
CA PRO A 213 12.72 5.54 -6.45
C PRO A 213 14.25 5.43 -6.31
N ALA A 214 14.72 4.79 -5.25
CA ALA A 214 16.16 4.58 -5.07
C ALA A 214 16.75 3.74 -6.19
N ILE A 215 16.15 2.57 -6.42
CA ILE A 215 16.61 1.61 -7.42
C ILE A 215 16.65 2.21 -8.83
N LEU A 216 15.59 2.91 -9.21
CA LEU A 216 15.52 3.59 -10.50
C LEU A 216 16.60 4.66 -10.62
N PHE A 217 16.84 5.38 -9.53
CA PHE A 217 17.88 6.42 -9.47
C PHE A 217 19.29 5.82 -9.53
N GLY A 218 19.48 4.69 -8.85
CA GLY A 218 20.77 4.03 -8.81
C GLY A 218 21.23 3.47 -10.16
N ARG A 219 20.29 3.30 -11.07
CA ARG A 219 20.56 2.77 -12.40
C ARG A 219 20.38 3.80 -13.53
N TRP A 220 19.49 4.78 -13.31
CA TRP A 220 19.17 5.79 -14.32
C TRP A 220 19.37 7.23 -13.84
N GLY A 221 19.98 7.39 -12.66
CA GLY A 221 20.16 8.71 -12.04
C GLY A 221 20.93 9.69 -12.91
N SER A 222 22.18 9.33 -13.22
CA SER A 222 23.05 10.15 -14.06
C SER A 222 23.17 9.59 -15.48
N TRP A 223 22.11 8.90 -15.90
CA TRP A 223 22.00 8.27 -17.22
C TRP A 223 22.33 9.25 -18.36
N ASP A 224 23.42 8.98 -19.07
CA ASP A 224 23.92 9.89 -20.10
C ASP A 224 23.03 9.95 -21.35
N GLY A 225 21.85 9.33 -21.28
CA GLY A 225 20.90 9.30 -22.38
C GLY A 225 21.11 8.15 -23.36
N LYS A 226 22.23 7.45 -23.24
CA LYS A 226 22.59 6.38 -24.16
C LYS A 226 21.81 5.09 -23.88
N PRO A 227 21.23 4.49 -24.94
CA PRO A 227 20.48 3.24 -24.85
C PRO A 227 21.30 2.02 -24.38
N VAL A 228 20.62 1.03 -23.81
CA VAL A 228 21.24 -0.22 -23.37
C VAL A 228 20.58 -1.40 -24.11
N PRO A 229 21.35 -2.49 -24.35
CA PRO A 229 20.87 -3.57 -25.22
C PRO A 229 19.51 -4.15 -24.83
N GLU A 230 19.30 -4.36 -23.53
CA GLU A 230 18.06 -4.96 -23.04
C GLU A 230 17.79 -4.57 -21.60
N ALA A 231 16.55 -4.77 -21.16
CA ALA A 231 16.11 -4.44 -19.82
C ALA A 231 17.10 -4.98 -18.77
N PRO A 232 17.70 -4.07 -17.98
CA PRO A 232 18.61 -4.49 -16.93
C PRO A 232 17.86 -5.04 -15.72
N LEU A 233 18.51 -5.94 -14.99
CA LEU A 233 17.95 -6.49 -13.76
C LEU A 233 17.59 -5.35 -12.80
N PHE A 234 16.53 -5.56 -12.03
CA PHE A 234 16.02 -4.52 -11.14
C PHE A 234 16.73 -4.58 -9.79
N TYR A 235 16.10 -5.26 -8.84
CA TYR A 235 16.64 -5.50 -7.50
C TYR A 235 18.04 -6.12 -7.56
N GLN A 236 18.17 -7.19 -8.31
CA GLN A 236 19.45 -7.89 -8.48
C GLN A 236 20.48 -7.05 -9.25
N GLY A 237 20.02 -5.99 -9.89
CA GLY A 237 20.86 -5.12 -10.71
C GLY A 237 21.46 -3.92 -10.01
N ILE A 238 21.07 -3.70 -8.75
CA ILE A 238 21.61 -2.57 -7.97
C ILE A 238 23.11 -2.71 -7.76
N ASP A 239 23.79 -1.58 -7.60
CA ASP A 239 25.20 -1.57 -7.26
C ASP A 239 25.37 -1.21 -5.79
N GLN A 240 26.62 -1.02 -5.37
CA GLN A 240 26.92 -0.70 -3.98
C GLN A 240 26.36 0.68 -3.60
N ALA A 241 26.39 1.63 -4.53
CA ALA A 241 25.92 2.99 -4.28
C ALA A 241 24.43 3.02 -3.93
N THR A 242 23.64 2.20 -4.62
CA THR A 242 22.20 2.12 -4.39
C THR A 242 21.90 1.46 -3.06
N ALA A 243 22.70 0.45 -2.69
CA ALA A 243 22.59 -0.19 -1.39
C ALA A 243 22.78 0.83 -0.28
N ASP A 244 23.88 1.59 -0.38
CA ASP A 244 24.19 2.68 0.55
C ASP A 244 23.06 3.71 0.63
N MET A 245 22.49 4.04 -0.53
CA MET A 245 21.36 4.96 -0.65
C MET A 245 20.15 4.44 0.12
N LEU A 246 19.86 3.15 -0.02
CA LEU A 246 18.77 2.49 0.73
C LEU A 246 19.03 2.48 2.23
N THR A 247 20.30 2.38 2.63
CA THR A 247 20.68 2.45 4.03
C THR A 247 20.48 3.87 4.57
N ALA A 248 20.84 4.86 3.77
CA ALA A 248 20.70 6.27 4.15
C ALA A 248 19.24 6.66 4.37
N CYS A 249 18.40 6.28 3.41
CA CYS A 249 16.96 6.51 3.49
C CYS A 249 16.31 5.81 4.69
N SER A 250 16.70 4.55 4.92
CA SER A 250 16.21 3.76 6.05
C SER A 250 16.57 4.39 7.39
N ASN A 251 17.78 4.93 7.49
CA ASN A 251 18.21 5.66 8.67
C ASN A 251 17.38 6.92 8.90
N GLU A 252 17.09 7.61 7.80
CA GLU A 252 16.21 8.78 7.83
C GLU A 252 14.81 8.40 8.32
N CYS A 253 14.40 7.15 8.07
CA CYS A 253 13.15 6.61 8.60
C CYS A 253 13.20 6.48 10.11
N LYS A 254 14.31 5.94 10.61
CA LYS A 254 14.55 5.80 12.04
C LYS A 254 14.60 7.18 12.70
N ASP A 255 15.20 8.13 12.01
CA ASP A 255 15.30 9.51 12.49
C ASP A 255 13.94 10.13 12.76
N VAL A 256 13.03 9.98 11.79
CA VAL A 256 11.68 10.51 11.89
C VAL A 256 10.91 9.78 12.99
N ALA A 257 11.05 8.46 13.03
CA ALA A 257 10.46 7.62 14.07
C ALA A 257 10.89 8.06 15.47
N ASN A 258 12.21 8.25 15.66
CA ASN A 258 12.73 8.66 16.96
C ASN A 258 12.22 10.03 17.41
N ALA A 259 12.13 10.96 16.46
CA ALA A 259 11.69 12.34 16.75
C ALA A 259 10.24 12.38 17.22
N ILE A 260 9.41 11.52 16.64
CA ILE A 260 8.01 11.42 17.02
C ILE A 260 7.88 10.86 18.45
N MET A 261 8.60 9.77 18.71
CA MET A 261 8.62 9.16 20.04
C MET A 261 9.03 10.14 21.14
N ALA A 262 10.03 10.97 20.86
CA ALA A 262 10.55 11.94 21.84
C ALA A 262 9.61 13.12 22.05
N ALA A 263 8.94 13.55 20.98
CA ALA A 263 7.99 14.66 21.04
C ALA A 263 6.64 14.18 21.55
N CYS A 264 6.38 12.89 21.42
CA CYS A 264 5.08 12.32 21.76
C CYS A 264 5.19 11.02 22.54
N PRO A 265 5.28 11.11 23.88
CA PRO A 265 5.17 9.95 24.78
C PRO A 265 3.91 9.12 24.49
N GLY A 266 4.01 7.80 24.70
CA GLY A 266 2.87 6.90 24.53
C GLY A 266 2.62 6.46 23.10
N ASN A 267 3.57 6.77 22.21
CA ASN A 267 3.50 6.35 20.81
C ASN A 267 4.70 5.48 20.46
N ASP A 268 4.52 4.16 20.60
CA ASP A 268 5.60 3.21 20.41
C ASP A 268 5.90 2.93 18.93
N LEU A 269 6.98 3.52 18.44
CA LEU A 269 7.43 3.33 17.07
C LEU A 269 8.80 2.66 17.03
N SER A 270 9.04 1.77 17.99
CA SER A 270 10.35 1.12 18.13
C SER A 270 10.54 -0.02 17.12
N ASP A 271 9.46 -0.44 16.47
CA ASP A 271 9.55 -1.47 15.44
C ASP A 271 9.96 -0.93 14.08
N ASP A 272 10.29 0.35 14.01
CA ASP A 272 10.99 0.90 12.86
C ASP A 272 12.41 0.39 12.89
N LYS A 273 12.73 -0.44 11.90
CA LYS A 273 14.01 -1.12 11.86
C LYS A 273 14.75 -0.81 10.56
N ASP A 274 16.03 -1.18 10.52
CA ASP A 274 16.84 -1.04 9.32
C ASP A 274 16.25 -1.88 8.21
N ILE A 275 16.32 -1.34 7.00
CA ILE A 275 15.89 -2.09 5.82
C ILE A 275 16.63 -3.42 5.71
N TYR A 276 17.92 -3.41 6.06
CA TYR A 276 18.74 -4.62 6.07
C TYR A 276 18.23 -5.60 7.11
N GLN A 277 17.94 -5.09 8.29
CA GLN A 277 17.37 -5.86 9.38
C GLN A 277 15.97 -6.36 8.99
N TRP A 278 15.28 -5.58 8.15
CA TRP A 278 13.95 -5.93 7.67
C TRP A 278 14.01 -7.07 6.64
N TYR A 279 14.96 -6.98 5.72
CA TYR A 279 15.12 -7.98 4.66
C TYR A 279 15.33 -9.40 5.19
N LEU A 280 16.18 -9.54 6.20
CA LEU A 280 16.48 -10.84 6.80
C LEU A 280 15.30 -11.44 7.54
N GLU A 281 14.49 -10.60 8.16
CA GLU A 281 13.29 -11.04 8.88
C GLU A 281 12.29 -11.71 7.95
N TYR A 282 12.18 -11.21 6.71
CA TYR A 282 11.09 -11.60 5.84
C TYR A 282 11.50 -12.14 4.46
N TYR A 283 12.79 -12.41 4.29
CA TYR A 283 13.28 -13.05 3.06
C TYR A 283 14.42 -14.05 3.29
N HIS A 284 14.75 -14.33 4.55
CA HIS A 284 15.89 -15.19 4.90
C HIS A 284 15.94 -16.52 4.14
N GLU A 285 14.78 -17.17 3.97
CA GLU A 285 14.70 -18.46 3.29
C GLU A 285 14.98 -18.37 1.77
N ASP A 286 15.01 -17.14 1.25
CA ASP A 286 15.24 -16.89 -0.17
C ASP A 286 16.62 -16.30 -0.45
N ILE A 287 17.21 -15.69 0.56
CA ILE A 287 18.54 -15.07 0.46
C ILE A 287 19.63 -16.12 0.68
N GLN A 288 20.53 -16.28 -0.30
CA GLN A 288 21.65 -17.22 -0.14
C GLN A 288 22.88 -16.60 0.53
N ASP A 289 23.12 -15.32 0.27
CA ASP A 289 24.23 -14.59 0.87
C ASP A 289 23.71 -13.33 1.54
N ASP A 290 23.75 -13.29 2.87
CA ASP A 290 23.11 -12.22 3.64
C ASP A 290 24.03 -11.44 4.57
N HIS A 291 25.33 -11.38 4.26
CA HIS A 291 26.30 -10.72 5.15
C HIS A 291 26.18 -9.19 5.19
N ASP A 292 25.60 -8.60 4.15
CA ASP A 292 25.23 -7.18 4.15
C ASP A 292 24.02 -6.92 3.26
N LEU A 293 23.55 -5.67 3.24
CA LEU A 293 22.36 -5.29 2.47
C LEU A 293 22.49 -5.54 0.97
N TYR A 294 23.63 -5.13 0.40
CA TYR A 294 23.89 -5.34 -1.02
C TYR A 294 23.66 -6.79 -1.42
N HIS A 295 24.35 -7.70 -0.72
CA HIS A 295 24.23 -9.12 -0.98
C HIS A 295 22.86 -9.69 -0.62
N ALA A 296 22.23 -9.13 0.41
CA ALA A 296 20.89 -9.56 0.82
C ALA A 296 19.88 -9.36 -0.31
N ILE A 297 19.99 -8.24 -1.01
CA ILE A 297 19.08 -7.90 -2.11
C ILE A 297 19.47 -8.61 -3.42
N THR A 298 20.75 -8.59 -3.77
CA THR A 298 21.22 -9.12 -5.05
C THR A 298 21.24 -10.65 -5.14
N THR A 299 21.27 -11.33 -3.99
CA THR A 299 21.23 -12.78 -3.98
C THR A 299 19.88 -13.32 -3.52
N ASN A 300 18.86 -12.47 -3.58
CA ASN A 300 17.49 -12.85 -3.23
C ASN A 300 16.84 -13.62 -4.37
N LYS A 301 16.53 -14.89 -4.13
CA LYS A 301 16.00 -15.77 -5.17
C LYS A 301 14.58 -15.43 -5.65
N SER A 302 13.82 -14.69 -4.83
CA SER A 302 12.52 -14.20 -5.27
C SER A 302 12.61 -12.85 -5.99
N TYR A 303 13.83 -12.43 -6.31
CA TYR A 303 14.07 -11.23 -7.10
C TYR A 303 14.66 -11.57 -8.48
N LYS A 304 14.84 -12.85 -8.77
CA LYS A 304 15.48 -13.25 -10.04
C LYS A 304 14.56 -13.05 -11.24
N GLY A 305 15.16 -12.61 -12.35
CA GLY A 305 14.42 -12.35 -13.59
C GLY A 305 13.66 -11.04 -13.59
N LEU A 306 13.69 -10.32 -12.46
CA LEU A 306 12.96 -9.07 -12.30
C LEU A 306 13.74 -7.88 -12.86
N VAL A 307 13.17 -7.25 -13.89
CA VAL A 307 13.85 -6.22 -14.67
C VAL A 307 13.20 -4.83 -14.62
N HIS A 308 13.95 -3.82 -15.07
CA HIS A 308 13.43 -2.46 -15.16
C HIS A 308 12.36 -2.36 -16.24
N PRO A 309 11.36 -1.47 -16.04
CA PRO A 309 10.44 -1.19 -17.14
C PRO A 309 11.15 -0.36 -18.20
N VAL A 310 11.15 -0.88 -19.43
CA VAL A 310 11.87 -0.23 -20.53
C VAL A 310 10.98 -0.06 -21.74
N LYS A 311 11.43 0.77 -22.68
CA LYS A 311 10.74 0.95 -23.96
C LYS A 311 11.74 1.04 -25.10
N ALA A 312 11.28 0.82 -26.33
CA ALA A 312 12.16 0.79 -27.50
C ALA A 312 12.57 2.18 -27.95
N VAL A 313 13.88 2.35 -28.16
CA VAL A 313 14.43 3.63 -28.62
C VAL A 313 15.46 3.40 -29.73
N ASP A 314 15.92 4.49 -30.34
CA ASP A 314 17.05 4.44 -31.26
C ASP A 314 18.26 3.79 -30.57
N ALA A 315 18.78 2.74 -31.22
CA ALA A 315 19.97 1.99 -30.76
C ALA A 315 19.80 1.20 -29.45
N GLY A 316 18.57 0.86 -29.10
CA GLY A 316 18.34 -0.09 -28.02
C GLY A 316 17.08 0.11 -27.20
N VAL A 317 17.27 0.11 -25.88
CA VAL A 317 16.20 0.16 -24.90
C VAL A 317 16.45 1.31 -23.91
N ALA A 318 15.38 1.96 -23.47
CA ALA A 318 15.47 3.09 -22.54
C ALA A 318 14.45 2.95 -21.40
N PRO A 319 14.79 3.46 -20.20
CA PRO A 319 13.90 3.35 -19.06
C PRO A 319 12.52 3.92 -19.33
N ASP A 320 11.51 3.20 -18.87
CA ASP A 320 10.12 3.60 -19.00
C ASP A 320 9.65 4.08 -17.63
N PHE A 321 9.66 5.39 -17.43
CA PHE A 321 9.13 5.99 -16.20
C PHE A 321 7.61 6.10 -16.33
N GLY A 322 6.98 6.83 -15.42
CA GLY A 322 5.53 6.80 -15.35
C GLY A 322 5.20 5.64 -14.43
N ASN A 323 5.04 4.45 -15.02
CA ASN A 323 4.81 3.21 -14.23
C ASN A 323 4.02 3.41 -12.92
N ARG A 324 4.36 2.67 -11.87
CA ARG A 324 3.74 2.88 -10.57
C ARG A 324 4.78 2.96 -9.46
N TYR A 325 6.03 2.68 -9.83
CA TYR A 325 7.18 2.92 -8.97
C TYR A 325 7.28 4.39 -8.59
N LEU A 326 6.80 5.27 -9.48
CA LEU A 326 6.85 6.71 -9.26
C LEU A 326 5.47 7.36 -9.17
N THR A 327 4.54 7.00 -10.05
CA THR A 327 3.20 7.62 -10.01
C THR A 327 2.42 7.25 -8.76
N GLU A 328 2.86 6.22 -8.05
CA GLU A 328 2.25 5.82 -6.78
C GLU A 328 3.18 6.06 -5.60
N ASP A 329 4.39 5.50 -5.67
CA ASP A 329 5.35 5.56 -4.58
C ASP A 329 5.80 6.98 -4.21
N ILE A 330 5.64 7.95 -5.11
CA ILE A 330 5.92 9.34 -4.77
C ILE A 330 4.71 10.03 -4.10
N PRO A 331 3.60 10.24 -4.86
CA PRO A 331 2.51 10.97 -4.22
C PRO A 331 1.82 10.20 -3.09
N MET A 332 1.77 8.87 -3.22
CA MET A 332 1.07 8.02 -2.25
C MET A 332 2.07 7.27 -1.38
N GLY A 333 3.29 7.77 -1.34
CA GLY A 333 4.36 7.14 -0.58
C GLY A 333 5.35 8.12 0.02
N MET A 334 6.31 8.54 -0.79
CA MET A 334 7.42 9.37 -0.30
C MET A 334 6.97 10.73 0.23
N ILE A 335 6.04 11.37 -0.49
CA ILE A 335 5.53 12.69 -0.10
C ILE A 335 4.85 12.65 1.26
N VAL A 336 4.08 11.60 1.50
CA VAL A 336 3.41 11.40 2.79
C VAL A 336 4.45 11.31 3.89
N PHE A 337 5.50 10.51 3.67
CA PHE A 337 6.61 10.40 4.61
C PHE A 337 7.30 11.75 4.81
N LYS A 338 7.47 12.50 3.72
CA LYS A 338 8.03 13.86 3.77
C LYS A 338 7.16 14.79 4.60
N GLY A 339 5.84 14.62 4.51
CA GLY A 339 4.88 15.38 5.30
C GLY A 339 5.06 15.14 6.79
N VAL A 340 5.30 13.88 7.16
CA VAL A 340 5.55 13.52 8.55
C VAL A 340 6.91 14.05 8.99
N ALA A 341 7.92 13.93 8.12
CA ALA A 341 9.27 14.44 8.40
C ALA A 341 9.28 15.94 8.76
N ILE A 342 8.50 16.74 8.02
CA ILE A 342 8.40 18.18 8.26
C ILE A 342 7.74 18.45 9.61
N ALA A 343 6.70 17.67 9.91
CA ALA A 343 5.97 17.81 11.16
C ALA A 343 6.81 17.42 12.36
N ALA A 344 7.72 16.45 12.18
CA ALA A 344 8.64 16.04 13.22
C ALA A 344 9.83 16.99 13.33
N GLY A 345 10.07 17.75 12.27
CA GLY A 345 11.19 18.70 12.20
C GLY A 345 12.52 18.05 11.84
N VAL A 346 12.44 16.88 11.20
CA VAL A 346 13.63 16.09 10.86
C VAL A 346 14.00 16.27 9.39
N ALA A 347 15.25 16.66 9.14
CA ALA A 347 15.77 16.75 7.79
C ALA A 347 16.02 15.35 7.24
N ILE A 348 15.70 15.16 5.96
CA ILE A 348 15.88 13.88 5.30
C ILE A 348 16.43 14.06 3.87
N PRO A 349 17.69 14.57 3.77
CA PRO A 349 18.28 14.99 2.48
C PRO A 349 18.27 13.93 1.39
N SER A 350 18.40 12.65 1.77
CA SER A 350 18.41 11.55 0.81
C SER A 350 17.02 11.23 0.23
N ASN A 351 15.99 11.25 1.08
CA ASN A 351 14.62 11.13 0.60
C ASN A 351 14.27 12.31 -0.31
N ASP A 352 14.64 13.53 0.12
CA ASP A 352 14.44 14.74 -0.68
C ASP A 352 15.08 14.61 -2.06
N LYS A 353 16.37 14.24 -2.07
CA LYS A 353 17.13 13.99 -3.30
C LYS A 353 16.35 13.11 -4.28
N LEU A 354 15.72 12.05 -3.73
CA LEU A 354 14.96 11.10 -4.52
C LEU A 354 13.64 11.66 -5.03
N ILE A 355 12.96 12.42 -4.18
CA ILE A 355 11.69 13.05 -4.55
C ILE A 355 11.90 14.01 -5.72
N MET A 356 12.86 14.92 -5.57
CA MET A 356 13.14 15.92 -6.59
C MET A 356 13.44 15.31 -7.96
N TRP A 357 14.20 14.22 -7.98
CA TRP A 357 14.54 13.53 -9.21
C TRP A 357 13.34 12.80 -9.79
N ALA A 358 12.65 12.03 -8.93
CA ALA A 358 11.53 11.19 -9.36
C ALA A 358 10.38 11.97 -9.96
N GLN A 359 9.98 13.05 -9.31
CA GLN A 359 8.85 13.85 -9.76
C GLN A 359 9.09 14.48 -11.14
N GLU A 360 10.34 14.82 -11.43
CA GLU A 360 10.71 15.38 -12.73
C GLU A 360 10.50 14.33 -13.82
N LYS A 361 10.91 13.09 -13.54
CA LYS A 361 10.80 12.01 -14.51
C LYS A 361 9.36 11.82 -14.98
N ILE A 362 8.42 11.88 -14.05
CA ILE A 362 7.01 11.68 -14.36
C ILE A 362 6.27 12.99 -14.66
N GLY A 363 7.01 14.10 -14.69
CA GLY A 363 6.43 15.40 -14.99
C GLY A 363 5.42 15.93 -13.98
N LYS A 364 5.64 15.57 -12.71
CA LYS A 364 4.82 16.08 -11.62
C LYS A 364 5.67 16.95 -10.70
N GLU A 365 5.01 17.71 -9.84
CA GLU A 365 5.70 18.58 -8.88
C GLU A 365 5.02 18.55 -7.51
N TYR A 366 5.78 18.09 -6.51
CA TYR A 366 5.25 17.94 -5.17
C TYR A 366 6.09 18.72 -4.15
N LEU A 367 7.40 18.55 -4.23
CA LEU A 367 8.35 19.23 -3.33
C LEU A 367 9.08 20.34 -4.07
N VAL A 368 9.13 21.53 -3.48
CA VAL A 368 9.89 22.66 -4.03
C VAL A 368 10.67 23.31 -2.87
N ASP A 369 11.97 23.50 -3.07
CA ASP A 369 12.87 24.04 -2.03
C ASP A 369 12.63 23.41 -0.66
N GLY A 370 12.54 22.08 -0.63
CA GLY A 370 12.34 21.34 0.61
C GLY A 370 10.96 21.48 1.24
N ALA A 371 10.09 22.27 0.60
CA ALA A 371 8.76 22.58 1.15
C ALA A 371 7.65 22.02 0.27
N LEU A 372 6.57 21.54 0.92
CA LEU A 372 5.47 20.88 0.23
C LEU A 372 4.52 21.88 -0.43
N THR A 373 4.99 22.51 -1.50
CA THR A 373 4.26 23.57 -2.20
C THR A 373 4.25 23.35 -3.71
N GLY A 374 4.43 22.10 -4.13
CA GLY A 374 4.51 21.74 -5.54
C GLY A 374 3.20 21.95 -6.27
N LYS A 375 3.26 21.97 -7.61
CA LYS A 375 2.09 22.14 -8.46
C LYS A 375 1.00 21.13 -8.13
N ASP A 376 1.37 19.86 -7.97
CA ASP A 376 0.41 18.77 -7.78
C ASP A 376 0.39 18.19 -6.36
N VAL A 377 0.70 19.02 -5.36
CA VAL A 377 0.75 18.56 -3.97
C VAL A 377 -0.63 18.20 -3.41
N ALA A 378 -1.68 18.76 -4.00
CA ALA A 378 -3.04 18.46 -3.60
C ALA A 378 -3.51 17.07 -4.07
N THR A 379 -2.74 16.46 -4.98
CA THR A 379 -3.04 15.10 -5.42
C THR A 379 -2.32 14.05 -4.56
N THR A 380 -1.60 14.50 -3.54
CA THR A 380 -0.91 13.60 -2.62
C THR A 380 -1.72 13.36 -1.33
N ARG A 381 -1.17 12.58 -0.42
CA ARG A 381 -1.76 12.36 0.89
C ARG A 381 -0.85 12.78 2.04
N CYS A 382 0.00 13.78 1.82
CA CYS A 382 0.76 14.33 2.94
C CYS A 382 -0.24 14.98 3.88
N PRO A 383 -0.05 14.80 5.20
CA PRO A 383 -1.04 15.28 6.17
C PRO A 383 -1.33 16.78 6.03
N GLN A 384 -0.30 17.55 5.66
CA GLN A 384 -0.44 18.99 5.42
C GLN A 384 -1.50 19.33 4.37
N ARG A 385 -1.65 18.46 3.37
CA ARG A 385 -2.68 18.61 2.33
C ARG A 385 -4.09 18.63 2.91
N TYR A 386 -4.30 17.94 4.04
CA TYR A 386 -5.62 17.87 4.67
C TYR A 386 -5.73 18.83 5.85
N GLY A 387 -4.64 19.56 6.12
CA GLY A 387 -4.60 20.54 7.20
C GLY A 387 -4.15 19.93 8.52
N PHE A 388 -3.62 18.71 8.46
CA PHE A 388 -2.99 18.09 9.63
C PHE A 388 -1.53 18.52 9.65
N ASN A 389 -1.24 19.57 10.41
CA ASN A 389 0.08 20.20 10.35
C ASN A 389 1.02 19.86 11.50
N THR A 390 0.48 19.35 12.60
CA THR A 390 1.29 19.03 13.78
C THR A 390 1.35 17.52 14.01
N LEU A 391 2.31 17.08 14.82
CA LEU A 391 2.39 15.67 15.21
C LEU A 391 1.13 15.21 15.94
N ASP A 392 0.55 16.09 16.74
CA ASP A 392 -0.70 15.80 17.43
C ASP A 392 -1.82 15.62 16.41
N ALA A 393 -1.90 16.53 15.44
CA ALA A 393 -2.89 16.44 14.38
C ALA A 393 -2.73 15.12 13.59
N ILE A 394 -1.49 14.80 13.25
CA ILE A 394 -1.14 13.57 12.56
C ILE A 394 -1.58 12.32 13.34
N LEU A 395 -1.28 12.32 14.64
CA LEU A 395 -1.56 11.18 15.50
C LEU A 395 -3.05 10.96 15.73
N THR A 396 -3.75 12.03 16.13
CA THR A 396 -5.10 11.92 16.67
C THR A 396 -6.20 12.37 15.71
N GLY A 397 -5.84 13.11 14.68
CA GLY A 397 -6.80 13.57 13.68
C GLY A 397 -7.53 14.84 14.06
N LYS A 398 -7.21 15.39 15.23
CA LYS A 398 -7.88 16.59 15.73
C LYS A 398 -7.01 17.83 15.58
N LYS A 399 -7.57 18.82 14.88
CA LYS A 399 -6.92 20.12 14.66
C LYS A 399 -7.08 21.05 15.87
N HIS A 400 -6.46 22.22 15.79
CA HIS A 400 -6.36 23.15 16.91
C HIS A 400 -6.66 24.58 16.42
N HIS A 401 -7.48 25.39 17.11
CA HIS A 401 -8.28 25.11 18.33
C HIS A 401 -8.08 26.11 19.48
N HIS A 402 -8.22 27.40 19.14
CA HIS A 402 -8.27 28.52 20.09
C HIS A 402 -9.21 29.56 19.48
N HIS A 403 -10.16 30.18 20.20
CA HIS A 403 -10.37 30.26 21.67
C HIS A 403 -9.81 31.56 22.24
N HIS A 404 -10.63 32.61 22.21
CA HIS A 404 -10.21 33.98 22.54
C HIS A 404 -10.38 34.35 24.02
PA NAI B . -5.24 -3.37 -10.35
O1A NAI B . -4.36 -2.57 -11.23
O2A NAI B . -5.49 -4.73 -10.89
O5B NAI B . -6.61 -2.59 -10.13
C5B NAI B . -7.35 -2.05 -11.21
C4B NAI B . -8.62 -1.48 -10.59
O4B NAI B . -8.41 -0.13 -10.22
C3B NAI B . -9.79 -1.47 -11.54
O3B NAI B . -10.47 -2.69 -11.48
C2B NAI B . -10.62 -0.34 -11.00
O2B NAI B . -11.51 -0.82 -10.02
C1B NAI B . -9.61 0.61 -10.38
N9A NAI B . -9.39 1.75 -11.29
C8A NAI B . -8.54 1.81 -12.36
N7A NAI B . -8.65 3.03 -12.94
C5A NAI B . -9.55 3.75 -12.25
C6A NAI B . -10.03 5.05 -12.41
N6A NAI B . -9.32 5.92 -13.12
N1A NAI B . -10.98 5.54 -11.53
C2A NAI B . -11.44 4.73 -10.49
N3A NAI B . -10.96 3.45 -10.34
C4A NAI B . -10.02 2.96 -11.21
O3 NAI B . -4.62 -3.45 -8.86
PN NAI B . -4.32 -4.84 -8.11
O1N NAI B . -3.51 -5.69 -9.00
O2N NAI B . -5.57 -5.40 -7.53
O5D NAI B . -3.38 -4.31 -6.92
C5D NAI B . -3.91 -3.50 -5.90
C4D NAI B . -2.77 -2.77 -5.20
O4D NAI B . -1.91 -3.71 -4.60
C3D NAI B . -1.95 -1.94 -6.18
O3D NAI B . -1.72 -0.68 -5.60
C2D NAI B . -0.65 -2.69 -6.34
O2D NAI B . 0.44 -1.80 -6.40
C1D NAI B . -0.58 -3.58 -5.10
N1N NAI B . 0.02 -4.92 -5.34
C2N NAI B . -0.32 -5.69 -6.43
C3N NAI B . 0.28 -6.95 -6.62
C7N NAI B . -0.40 -7.97 -7.48
O7N NAI B . -1.54 -7.64 -8.24
N7N NAI B . 0.09 -9.22 -7.50
C4N NAI B . 1.23 -7.39 -5.70
C5N NAI B . 1.56 -6.61 -4.60
C6N NAI B . 0.94 -5.36 -4.44
N AG2 C . 5.90 -2.48 -3.36
CA AG2 C . 5.33 -3.09 -2.12
CB AG2 C . 6.43 -3.80 -1.33
CG AG2 C . 6.01 -4.29 0.04
CD AG2 C . 6.26 -3.24 1.12
NE AG2 C . 6.78 -3.82 2.36
CZ AG2 C . 6.57 -3.31 3.57
NH1 AG2 C . 5.84 -2.22 3.74
NH2 AG2 C . 7.09 -3.92 4.63
#